data_9J72
#
_entry.id   9J72
#
_cell.length_a   1.00
_cell.length_b   1.00
_cell.length_c   1.00
_cell.angle_alpha   90.00
_cell.angle_beta   90.00
_cell.angle_gamma   90.00
#
_symmetry.space_group_name_H-M   'P 1'
#
loop_
_entity.id
_entity.type
_entity.pdbx_description
1 polymer 'Solute carrier family 22 member 12'
2 non-polymer 'URIC ACID'
#
_entity_poly.entity_id   1
_entity_poly.type   'polypeptide(L)'
_entity_poly.pdbx_seq_one_letter_code
;MAFPELLDRVGGRGRFQLLQAVALVTPILWVTTQSMLENFSAAVPHHRCWVPLLDNSTSQASIPGDFGRDVLLAVSIPPG
PDQRPHQCLRFRQPQWQLIESNTTATNWSDADTEPCEDGWVYDHSTFRSTIVTTWDLVCDSQALRPMAQSIFLAGILVGA
AVCGHASDRFGRRRVLTWSYLLVSVSGTIAALMPTFPLYCLFRFLVASAVAGVMMNTASLLMEWTSAQAGPLMMTLNALG
FSFGQVLTGSVAYGVRSWRMLQLAVSAPFFLFFVYSWWLPESARWLITVGRLDQSLRELQRVAAVNRRKAEADTLTVEVL
RSAMQEEPNGNQAGARLGTLLHTPGLRLRTFISMLCWFAFGFTFFGLALDLQALGSNIFLLQALIGIVDLPVKMGSLLLL
SRLGRRLCQASSLVLPGLCILANILVPREMGILRSSLAVLGLGSLGAAFTCVTIFSSELFPTVIRMTAVGLGQVAARGGA
MLGPLVRLLGVYGSWLPLLVYGVVPVLSGLAALLLPETKNLPLPDTIQDIQKQSVKKVTHDIAGGSVLKSARL
;
_entity_poly.pdbx_strand_id   A
#
# COMPACT_ATOMS: atom_id res chain seq x y z
N ALA A 2 5.04 33.16 -14.32
CA ALA A 2 5.16 33.35 -15.76
C ALA A 2 5.52 32.04 -16.46
N PHE A 3 5.86 31.04 -15.67
CA PHE A 3 6.19 29.72 -16.22
C PHE A 3 5.07 29.11 -17.05
N PRO A 4 3.78 29.22 -16.69
CA PRO A 4 2.75 28.69 -17.59
C PRO A 4 2.80 29.26 -19.00
N GLU A 5 3.19 30.53 -19.14
CA GLU A 5 3.37 31.09 -20.48
C GLU A 5 4.45 30.35 -21.24
N LEU A 6 5.57 30.05 -20.57
CA LEU A 6 6.64 29.30 -21.21
C LEU A 6 6.19 27.89 -21.58
N LEU A 7 5.42 27.25 -20.69
CA LEU A 7 4.93 25.90 -20.97
C LEU A 7 3.98 25.90 -22.17
N ASP A 8 3.08 26.88 -22.24
CA ASP A 8 2.21 26.99 -23.40
C ASP A 8 3.01 27.26 -24.66
N ARG A 9 4.07 28.07 -24.56
CA ARG A 9 4.95 28.31 -25.70
C ARG A 9 5.62 27.03 -26.17
N VAL A 10 6.08 26.20 -25.24
CA VAL A 10 6.83 25.00 -25.59
C VAL A 10 5.95 23.78 -25.85
N GLY A 11 4.69 23.79 -25.39
CA GLY A 11 3.85 22.63 -25.56
C GLY A 11 2.56 22.65 -24.77
N GLY A 12 2.30 21.58 -24.04
CA GLY A 12 1.02 21.37 -23.38
C GLY A 12 0.26 20.25 -24.05
N ARG A 13 -0.19 19.27 -23.27
CA ARG A 13 -0.80 18.04 -23.79
C ARG A 13 0.27 17.41 -24.69
N GLY A 14 0.04 17.28 -25.99
CA GLY A 14 1.07 16.84 -26.91
C GLY A 14 1.45 15.38 -26.80
N ARG A 15 2.70 15.07 -27.13
CA ARG A 15 3.20 13.70 -27.18
C ARG A 15 4.06 13.35 -25.97
N PHE A 16 4.94 14.25 -25.56
CA PHE A 16 5.87 13.95 -24.48
C PHE A 16 5.15 13.69 -23.17
N GLN A 17 4.11 14.47 -22.88
CA GLN A 17 3.40 14.33 -21.60
C GLN A 17 2.65 13.02 -21.50
N LEU A 18 2.53 12.27 -22.59
CA LEU A 18 1.95 10.93 -22.57
C LEU A 18 3.02 9.86 -22.38
N LEU A 19 4.15 9.98 -23.09
CA LEU A 19 5.23 9.03 -22.91
C LEU A 19 5.79 9.09 -21.49
N GLN A 20 6.03 10.30 -20.98
CA GLN A 20 6.48 10.43 -19.61
C GLN A 20 5.44 9.89 -18.64
N ALA A 21 4.17 10.16 -18.91
CA ALA A 21 3.10 9.67 -18.04
C ALA A 21 3.12 8.15 -17.95
N VAL A 22 3.22 7.47 -19.08
CA VAL A 22 3.20 6.01 -19.04
C VAL A 22 4.49 5.47 -18.39
N ALA A 23 5.63 6.10 -18.68
CA ALA A 23 6.89 5.64 -18.13
C ALA A 23 6.97 5.84 -16.62
N LEU A 24 6.23 6.81 -16.07
CA LEU A 24 6.20 6.98 -14.63
C LEU A 24 5.07 6.20 -13.97
N VAL A 25 3.99 5.93 -14.70
CA VAL A 25 2.88 5.15 -14.12
C VAL A 25 3.27 3.68 -14.01
N THR A 26 4.07 3.17 -14.96
CA THR A 26 4.43 1.76 -14.92
C THR A 26 5.09 1.31 -13.62
N PRO A 27 6.03 2.06 -13.01
CA PRO A 27 6.60 1.59 -11.73
C PRO A 27 5.60 1.58 -10.57
N ILE A 28 4.47 2.30 -10.69
CA ILE A 28 3.53 2.37 -9.57
C ILE A 28 2.95 0.99 -9.27
N LEU A 29 2.77 0.16 -10.30
CA LEU A 29 2.25 -1.19 -10.08
C LEU A 29 3.17 -1.99 -9.18
N TRP A 30 4.47 -1.98 -9.48
CA TRP A 30 5.41 -2.74 -8.64
C TRP A 30 5.63 -2.06 -7.29
N VAL A 31 5.46 -0.74 -7.22
CA VAL A 31 5.52 -0.07 -5.93
C VAL A 31 4.38 -0.56 -5.03
N THR A 32 3.19 -0.68 -5.60
CA THR A 32 2.08 -1.29 -4.86
C THR A 32 2.39 -2.75 -4.51
N THR A 33 3.03 -3.46 -5.43
CA THR A 33 3.35 -4.87 -5.18
C THR A 33 4.26 -5.02 -3.97
N GLN A 34 5.27 -4.16 -3.85
CA GLN A 34 6.18 -4.26 -2.71
C GLN A 34 5.56 -3.81 -1.40
N SER A 35 4.37 -3.22 -1.42
CA SER A 35 3.69 -2.78 -0.21
C SER A 35 2.72 -3.82 0.32
N MET A 36 1.94 -4.44 -0.56
CA MET A 36 1.00 -5.50 -0.16
C MET A 36 1.63 -6.88 -0.23
N LEU A 37 2.93 -6.97 -0.49
CA LEU A 37 3.61 -8.26 -0.50
C LEU A 37 3.62 -8.91 0.87
N GLU A 38 3.32 -8.17 1.92
CA GLU A 38 3.24 -8.76 3.25
C GLU A 38 1.88 -9.42 3.44
N ASN A 39 1.43 -10.15 2.43
CA ASN A 39 0.19 -10.91 2.50
C ASN A 39 0.31 -12.33 1.97
N PHE A 40 1.22 -12.61 1.03
CA PHE A 40 1.47 -13.94 0.53
C PHE A 40 2.82 -14.49 0.96
N SER A 41 3.74 -13.61 1.36
CA SER A 41 5.04 -14.04 1.87
C SER A 41 4.97 -14.44 3.33
N ALA A 42 4.36 -13.59 4.16
CA ALA A 42 4.12 -13.92 5.57
C ALA A 42 2.68 -14.39 5.76
N ALA A 43 2.39 -15.55 5.17
CA ALA A 43 1.09 -16.20 5.34
C ALA A 43 1.24 -17.35 6.32
N VAL A 44 0.25 -17.51 7.20
CA VAL A 44 0.33 -18.51 8.26
C VAL A 44 -0.52 -19.72 7.91
N PRO A 45 0.08 -20.84 7.56
CA PRO A 45 -0.69 -22.07 7.32
C PRO A 45 -0.95 -22.79 8.64
N HIS A 46 -1.71 -23.89 8.56
CA HIS A 46 -1.99 -24.70 9.73
C HIS A 46 -0.71 -25.37 10.21
N HIS A 47 -0.48 -25.35 11.53
CA HIS A 47 0.72 -25.90 12.13
C HIS A 47 0.37 -26.79 13.31
N ARG A 48 1.19 -27.82 13.54
CA ARG A 48 1.03 -28.76 14.63
C ARG A 48 2.39 -29.07 15.24
N CYS A 49 2.38 -29.66 16.43
CA CYS A 49 3.61 -30.06 17.09
C CYS A 49 4.18 -31.33 16.46
N TRP A 50 5.51 -31.36 16.35
CA TRP A 50 6.19 -32.56 15.86
C TRP A 50 6.02 -33.70 16.85
N VAL A 51 5.79 -34.89 16.33
CA VAL A 51 5.58 -36.09 17.15
C VAL A 51 6.65 -37.11 16.79
N PRO A 52 7.21 -37.84 17.76
CA PRO A 52 8.16 -38.91 17.41
C PRO A 52 7.46 -40.12 16.80
N LEU A 53 6.23 -40.38 17.24
CA LEU A 53 5.49 -41.52 16.71
C LEU A 53 5.12 -41.29 15.25
N LEU A 54 4.69 -40.07 14.92
CA LEU A 54 4.32 -39.72 13.56
C LEU A 54 5.49 -39.04 12.87
N ASP A 55 5.39 -38.91 11.54
CA ASP A 55 6.45 -38.31 10.73
C ASP A 55 7.77 -39.03 10.93
N ASN A 56 7.69 -40.36 11.03
CA ASN A 56 8.85 -41.23 11.24
C ASN A 56 9.58 -40.89 12.54
N SER A 57 10.73 -41.50 12.76
CA SER A 57 11.48 -41.28 13.99
C SER A 57 12.34 -40.03 13.91
N GLY A 68 -3.97 -46.80 12.07
CA GLY A 68 -4.74 -45.69 11.55
C GLY A 68 -4.15 -44.34 11.90
N ARG A 69 -3.72 -43.59 10.87
CA ARG A 69 -3.08 -42.30 11.09
C ARG A 69 -3.95 -41.37 11.93
N ASP A 70 -5.27 -41.44 11.74
CA ASP A 70 -6.18 -40.64 12.56
C ASP A 70 -6.09 -41.05 14.03
N VAL A 71 -5.93 -42.34 14.30
CA VAL A 71 -5.82 -42.80 15.68
C VAL A 71 -4.56 -42.26 16.33
N LEU A 72 -3.43 -42.28 15.61
CA LEU A 72 -2.21 -41.70 16.17
C LEU A 72 -2.34 -40.20 16.36
N LEU A 73 -3.01 -39.51 15.43
CA LEU A 73 -3.23 -38.08 15.59
C LEU A 73 -4.05 -37.80 16.84
N ALA A 74 -5.10 -38.59 17.07
CA ALA A 74 -5.93 -38.40 18.26
C ALA A 74 -5.16 -38.71 19.54
N VAL A 75 -4.32 -39.75 19.52
CA VAL A 75 -3.59 -40.15 20.72
C VAL A 75 -2.38 -39.27 20.97
N SER A 76 -1.98 -38.45 20.00
CA SER A 76 -0.76 -37.66 20.14
C SER A 76 -1.02 -36.24 20.61
N ILE A 77 -1.89 -35.51 19.93
CA ILE A 77 -2.12 -34.09 20.18
C ILE A 77 -3.49 -33.94 20.82
N PRO A 78 -3.61 -33.23 21.94
CA PRO A 78 -4.93 -33.00 22.51
C PRO A 78 -5.80 -32.17 21.59
N PRO A 79 -7.10 -32.40 21.56
CA PRO A 79 -7.98 -31.62 20.69
C PRO A 79 -8.03 -30.15 21.09
N GLY A 80 -8.14 -29.29 20.09
CA GLY A 80 -8.20 -27.87 20.31
C GLY A 80 -9.62 -27.34 20.36
N PRO A 81 -9.78 -26.05 20.65
CA PRO A 81 -11.14 -25.50 20.77
C PRO A 81 -11.85 -25.36 19.43
N ASP A 82 -11.14 -24.94 18.39
CA ASP A 82 -11.79 -24.61 17.12
C ASP A 82 -11.81 -25.84 16.21
N GLN A 83 -12.37 -26.93 16.74
CA GLN A 83 -12.62 -28.17 15.99
C GLN A 83 -11.38 -28.65 15.24
N ARG A 84 -10.21 -28.32 15.76
CA ARG A 84 -8.95 -28.64 15.10
C ARG A 84 -7.96 -29.10 16.16
N PRO A 85 -6.96 -29.89 15.77
CA PRO A 85 -5.89 -30.23 16.72
C PRO A 85 -5.19 -29.00 17.24
N HIS A 86 -4.79 -29.06 18.51
CA HIS A 86 -4.17 -27.91 19.15
C HIS A 86 -2.83 -27.58 18.49
N GLN A 87 -2.55 -26.29 18.34
CA GLN A 87 -1.37 -25.83 17.62
C GLN A 87 -0.21 -25.43 18.52
N CYS A 88 -0.36 -25.55 19.84
CA CYS A 88 0.66 -25.02 20.74
C CYS A 88 0.98 -25.93 21.92
N LEU A 89 0.52 -27.18 21.92
CA LEU A 89 0.75 -28.07 23.05
C LEU A 89 0.84 -29.50 22.55
N ARG A 90 1.45 -30.36 23.37
CA ARG A 90 1.64 -31.76 23.02
C ARG A 90 1.66 -32.61 24.28
N PHE A 91 1.18 -33.84 24.14
CA PHE A 91 1.21 -34.80 25.23
C PHE A 91 2.63 -35.23 25.54
N ARG A 92 2.96 -35.32 26.83
CA ARG A 92 4.29 -35.79 27.21
C ARG A 92 4.51 -37.22 26.76
N GLN A 93 3.52 -38.08 26.98
CA GLN A 93 3.55 -39.48 26.58
C GLN A 93 2.26 -39.82 25.85
N PRO A 94 2.30 -40.80 24.94
CA PRO A 94 1.08 -41.19 24.22
C PRO A 94 0.02 -41.71 25.20
N GLN A 95 -1.08 -40.96 25.29
CA GLN A 95 -2.17 -41.29 26.20
C GLN A 95 -3.03 -42.38 25.59
N TRP A 96 -2.56 -43.62 25.73
CA TRP A 96 -3.26 -44.77 25.16
C TRP A 96 -4.58 -45.07 25.85
N GLN A 97 -4.87 -44.42 26.97
CA GLN A 97 -6.17 -44.60 27.62
C GLN A 97 -7.31 -44.22 26.70
N LEU A 98 -7.08 -43.26 25.81
CA LEU A 98 -8.08 -42.87 24.82
C LEU A 98 -8.08 -43.92 23.71
N ILE A 99 -9.24 -44.54 23.47
CA ILE A 99 -9.34 -45.57 22.46
C ILE A 99 -9.40 -44.95 21.07
N ALA A 111 -4.55 -32.38 31.23
CA ALA A 111 -3.95 -32.57 32.55
C ALA A 111 -2.48 -32.18 32.55
N ASP A 112 -1.63 -33.07 32.03
CA ASP A 112 -0.20 -32.82 31.94
C ASP A 112 0.16 -32.61 30.47
N THR A 113 0.29 -31.35 30.08
CA THR A 113 0.57 -30.98 28.70
C THR A 113 1.80 -30.07 28.68
N GLU A 114 2.50 -30.08 27.55
CA GLU A 114 3.82 -29.48 27.53
C GLU A 114 4.13 -28.90 26.16
N PRO A 115 4.68 -27.70 26.11
CA PRO A 115 4.89 -27.01 24.83
C PRO A 115 6.05 -27.60 24.03
N CYS A 116 6.06 -27.26 22.73
CA CYS A 116 6.96 -27.89 21.78
C CYS A 116 8.41 -27.44 21.98
N GLU A 117 9.36 -28.35 21.78
CA GLU A 117 10.75 -27.96 21.55
C GLU A 117 11.28 -28.39 20.19
N ASP A 118 10.75 -29.44 19.58
CA ASP A 118 11.32 -30.04 18.38
C ASP A 118 10.93 -29.29 17.11
N GLY A 119 10.20 -28.19 17.24
CA GLY A 119 9.71 -27.45 16.10
C GLY A 119 8.38 -27.96 15.61
N TRP A 120 7.71 -27.14 14.82
CA TRP A 120 6.40 -27.45 14.29
C TRP A 120 6.53 -28.01 12.88
N VAL A 121 5.45 -28.63 12.41
CA VAL A 121 5.33 -29.07 11.03
C VAL A 121 4.15 -28.33 10.41
N TYR A 122 4.31 -27.92 9.15
CA TYR A 122 3.37 -27.03 8.50
C TYR A 122 2.67 -27.73 7.36
N ASP A 123 1.63 -27.09 6.84
CA ASP A 123 0.81 -27.63 5.76
C ASP A 123 1.34 -27.07 4.45
N HIS A 124 2.00 -27.92 3.67
CA HIS A 124 2.56 -27.53 2.38
C HIS A 124 1.61 -28.00 1.28
N SER A 125 0.51 -27.27 1.15
CA SER A 125 -0.47 -27.53 0.10
C SER A 125 -0.75 -26.33 -0.78
N THR A 126 -0.63 -25.11 -0.27
CA THR A 126 -0.84 -23.91 -1.08
C THR A 126 0.45 -23.07 -1.10
N PHE A 127 1.11 -22.98 0.04
CA PHE A 127 2.35 -22.23 0.16
C PHE A 127 3.51 -23.19 0.43
N ARG A 128 4.55 -23.09 -0.39
CA ARG A 128 5.72 -23.94 -0.23
C ARG A 128 6.60 -23.51 0.94
N SER A 129 6.76 -22.21 1.15
CA SER A 129 7.59 -21.71 2.26
C SER A 129 7.24 -20.25 2.52
N THR A 130 6.87 -19.94 3.75
CA THR A 130 6.63 -18.59 4.20
C THR A 130 7.66 -18.18 5.24
N ILE A 131 7.71 -16.88 5.55
CA ILE A 131 8.63 -16.44 6.58
C ILE A 131 8.22 -16.98 7.95
N VAL A 132 6.92 -17.18 8.17
CA VAL A 132 6.46 -17.82 9.39
C VAL A 132 6.91 -19.27 9.43
N THR A 133 6.89 -19.94 8.27
CA THR A 133 7.44 -21.29 8.19
C THR A 133 8.94 -21.28 8.45
N THR A 134 9.65 -20.31 7.89
CA THR A 134 11.12 -20.32 8.00
C THR A 134 11.58 -20.03 9.42
N TRP A 135 11.04 -18.99 10.05
CA TRP A 135 11.57 -18.51 11.32
C TRP A 135 10.65 -18.81 12.51
N ASP A 136 9.60 -19.61 12.32
CA ASP A 136 8.76 -20.11 13.40
C ASP A 136 8.16 -18.96 14.22
N LEU A 137 7.39 -18.13 13.54
CA LEU A 137 6.68 -17.03 14.20
C LEU A 137 5.25 -17.45 14.55
N VAL A 138 5.15 -18.50 15.37
CA VAL A 138 3.89 -19.05 15.82
C VAL A 138 3.94 -19.27 17.32
N CYS A 139 2.79 -19.59 17.90
CA CYS A 139 2.65 -19.93 19.32
C CYS A 139 3.01 -18.71 20.14
N ASP A 140 4.03 -18.76 21.00
CA ASP A 140 4.35 -17.62 21.85
C ASP A 140 4.86 -16.44 21.04
N SER A 141 5.71 -16.69 20.04
CA SER A 141 6.26 -15.63 19.20
C SER A 141 5.29 -15.31 18.07
N GLN A 142 4.10 -14.85 18.47
CA GLN A 142 3.05 -14.47 17.53
C GLN A 142 2.99 -12.98 17.27
N ALA A 143 3.30 -12.17 18.28
CA ALA A 143 3.26 -10.71 18.14
C ALA A 143 4.28 -10.18 17.15
N LEU A 144 5.30 -10.95 16.81
CA LEU A 144 6.34 -10.46 15.91
C LEU A 144 5.81 -10.24 14.50
N ARG A 145 4.92 -11.12 14.04
CA ARG A 145 4.40 -10.99 12.68
C ARG A 145 3.66 -9.68 12.44
N PRO A 146 2.72 -9.23 13.30
CA PRO A 146 2.06 -7.95 13.04
C PRO A 146 2.94 -6.75 13.34
N MET A 147 4.21 -6.98 13.67
CA MET A 147 5.16 -5.89 13.88
C MET A 147 6.02 -5.60 12.66
N ALA A 148 6.20 -6.58 11.77
CA ALA A 148 6.92 -6.32 10.53
C ALA A 148 6.23 -5.28 9.66
N GLN A 149 4.91 -5.35 9.55
CA GLN A 149 4.15 -4.35 8.81
C GLN A 149 4.22 -2.97 9.47
N SER A 150 4.20 -2.93 10.80
CA SER A 150 4.38 -1.65 11.49
C SER A 150 5.76 -1.07 11.21
N ILE A 151 6.79 -1.91 11.19
CA ILE A 151 8.14 -1.44 10.87
C ILE A 151 8.18 -0.93 9.43
N PHE A 152 7.52 -1.63 8.51
CA PHE A 152 7.46 -1.19 7.13
C PHE A 152 6.78 0.17 7.00
N LEU A 153 5.68 0.37 7.73
CA LEU A 153 5.00 1.66 7.66
C LEU A 153 5.83 2.76 8.33
N ALA A 154 6.58 2.43 9.38
CA ALA A 154 7.52 3.41 9.94
C ALA A 154 8.56 3.79 8.90
N GLY A 155 9.04 2.82 8.13
CA GLY A 155 9.96 3.13 7.06
C GLY A 155 9.36 4.06 6.03
N ILE A 156 8.12 3.80 5.62
CA ILE A 156 7.46 4.67 4.67
C ILE A 156 7.34 6.09 5.22
N LEU A 157 6.92 6.21 6.49
CA LEU A 157 6.73 7.53 7.08
C LEU A 157 8.06 8.29 7.17
N VAL A 158 9.11 7.63 7.66
CA VAL A 158 10.41 8.28 7.76
C VAL A 158 10.96 8.67 6.39
N GLY A 159 10.85 7.78 5.40
CA GLY A 159 11.32 8.08 4.07
C GLY A 159 10.59 9.24 3.44
N ALA A 160 9.27 9.30 3.62
CA ALA A 160 8.50 10.42 3.11
C ALA A 160 8.83 11.73 3.83
N ALA A 161 9.13 11.67 5.14
CA ALA A 161 9.48 12.88 5.87
C ALA A 161 10.86 13.39 5.47
N VAL A 162 11.84 12.49 5.37
CA VAL A 162 13.20 12.91 5.06
C VAL A 162 13.30 13.36 3.60
N CYS A 163 12.68 12.64 2.68
CA CYS A 163 12.81 12.95 1.26
C CYS A 163 12.23 14.31 0.90
N GLY A 164 11.36 14.87 1.75
CA GLY A 164 10.82 16.19 1.47
C GLY A 164 11.90 17.25 1.39
N HIS A 165 12.80 17.26 2.37
CA HIS A 165 13.97 18.14 2.33
C HIS A 165 15.16 17.42 1.70
N ALA A 166 14.91 16.83 0.53
CA ALA A 166 15.96 16.15 -0.22
C ALA A 166 15.85 16.50 -1.70
N SER A 167 14.66 16.93 -2.13
CA SER A 167 14.40 17.26 -3.51
C SER A 167 14.63 18.73 -3.83
N ASP A 168 15.09 19.52 -2.86
CA ASP A 168 15.41 20.92 -3.08
C ASP A 168 16.90 21.18 -3.19
N ARG A 169 17.74 20.22 -2.82
CA ARG A 169 19.19 20.33 -2.94
C ARG A 169 19.76 19.41 -3.99
N PHE A 170 19.18 18.22 -4.17
CA PHE A 170 19.68 17.24 -5.12
C PHE A 170 18.91 17.20 -6.44
N GLY A 171 18.00 18.14 -6.67
CA GLY A 171 17.16 18.09 -7.84
C GLY A 171 15.93 17.24 -7.60
N ARG A 172 15.33 16.80 -8.70
CA ARG A 172 14.15 15.93 -8.63
C ARG A 172 14.26 14.67 -9.47
N ARG A 173 14.95 14.70 -10.61
CA ARG A 173 15.11 13.50 -11.42
C ARG A 173 16.17 12.56 -10.86
N ARG A 174 17.26 13.09 -10.31
CA ARG A 174 18.31 12.24 -9.76
C ARG A 174 17.79 11.43 -8.58
N VAL A 175 16.99 12.06 -7.71
CA VAL A 175 16.48 11.36 -6.54
C VAL A 175 15.62 10.18 -6.94
N LEU A 176 14.86 10.34 -8.03
CA LEU A 176 14.02 9.23 -8.50
C LEU A 176 14.87 8.04 -8.93
N THR A 177 15.94 8.28 -9.69
CA THR A 177 16.80 7.19 -10.14
C THR A 177 17.50 6.53 -8.97
N TRP A 178 18.02 7.33 -8.04
CA TRP A 178 18.70 6.74 -6.89
C TRP A 178 17.74 5.96 -6.00
N SER A 179 16.48 6.42 -5.88
CA SER A 179 15.51 5.67 -5.11
C SER A 179 15.12 4.36 -5.82
N TYR A 180 15.06 4.37 -7.15
CA TYR A 180 14.86 3.12 -7.88
C TYR A 180 15.99 2.14 -7.58
N LEU A 181 17.23 2.62 -7.65
CA LEU A 181 18.36 1.74 -7.37
C LEU A 181 18.32 1.23 -5.94
N LEU A 182 17.97 2.10 -4.99
CA LEU A 182 17.89 1.69 -3.59
C LEU A 182 16.82 0.63 -3.39
N VAL A 183 15.65 0.82 -4.01
CA VAL A 183 14.58 -0.18 -3.90
C VAL A 183 15.07 -1.51 -4.44
N SER A 184 15.69 -1.50 -5.62
CA SER A 184 16.13 -2.75 -6.22
C SER A 184 17.17 -3.45 -5.35
N VAL A 185 18.18 -2.71 -4.91
CA VAL A 185 19.26 -3.32 -4.13
C VAL A 185 18.75 -3.84 -2.79
N SER A 186 17.97 -3.03 -2.08
CA SER A 186 17.50 -3.45 -0.76
C SER A 186 16.53 -4.63 -0.86
N GLY A 187 15.65 -4.62 -1.88
CA GLY A 187 14.75 -5.74 -2.06
C GLY A 187 15.48 -7.02 -2.40
N THR A 188 16.47 -6.94 -3.30
CA THR A 188 17.26 -8.13 -3.63
C THR A 188 18.01 -8.64 -2.42
N ILE A 189 18.61 -7.73 -1.64
CA ILE A 189 19.42 -8.16 -0.50
C ILE A 189 18.54 -8.77 0.60
N ALA A 190 17.37 -8.19 0.83
CA ALA A 190 16.49 -8.66 1.90
C ALA A 190 16.04 -10.10 1.70
N ALA A 191 15.99 -10.60 0.47
CA ALA A 191 15.62 -11.98 0.20
C ALA A 191 16.76 -12.95 0.46
N LEU A 192 17.86 -12.50 1.07
CA LEU A 192 19.01 -13.35 1.36
C LEU A 192 19.43 -13.23 2.81
N MET A 193 18.50 -12.88 3.70
CA MET A 193 18.94 -12.72 5.08
C MET A 193 18.57 -13.94 5.91
N PRO A 194 19.45 -14.34 6.85
CA PRO A 194 19.18 -15.56 7.61
C PRO A 194 18.50 -15.33 8.95
N THR A 195 18.31 -14.07 9.35
CA THR A 195 17.72 -13.76 10.65
C THR A 195 16.65 -12.69 10.50
N PHE A 196 15.69 -12.70 11.42
CA PHE A 196 14.55 -11.79 11.34
C PHE A 196 14.92 -10.31 11.44
N PRO A 197 15.73 -9.86 12.41
CA PRO A 197 15.96 -8.40 12.53
C PRO A 197 16.55 -7.77 11.28
N LEU A 198 17.47 -8.47 10.61
CA LEU A 198 18.04 -7.93 9.39
C LEU A 198 16.99 -7.84 8.29
N TYR A 199 16.10 -8.82 8.23
CA TYR A 199 14.98 -8.73 7.29
C TYR A 199 14.12 -7.52 7.57
N CYS A 200 13.83 -7.25 8.85
CA CYS A 200 13.03 -6.09 9.20
C CYS A 200 13.74 -4.79 8.82
N LEU A 201 15.05 -4.72 9.06
CA LEU A 201 15.81 -3.51 8.71
C LEU A 201 15.80 -3.27 7.19
N PHE A 202 16.02 -4.32 6.40
CA PHE A 202 16.03 -4.14 4.97
C PHE A 202 14.64 -3.82 4.43
N ARG A 203 13.58 -4.37 5.05
CA ARG A 203 12.23 -3.97 4.67
C ARG A 203 11.97 -2.50 5.00
N PHE A 204 12.51 -2.03 6.13
CA PHE A 204 12.42 -0.62 6.47
C PHE A 204 13.06 0.25 5.39
N LEU A 205 14.25 -0.12 4.94
CA LEU A 205 14.92 0.63 3.87
C LEU A 205 14.08 0.60 2.59
N VAL A 206 13.55 -0.57 2.24
CA VAL A 206 12.73 -0.69 1.04
C VAL A 206 11.52 0.24 1.12
N ALA A 207 10.87 0.28 2.28
CA ALA A 207 9.69 1.12 2.45
C ALA A 207 10.04 2.59 2.31
N SER A 208 11.15 3.02 2.92
CA SER A 208 11.53 4.43 2.81
C SER A 208 11.80 4.81 1.36
N ALA A 209 12.53 3.95 0.64
CA ALA A 209 12.82 4.24 -0.76
C ALA A 209 11.55 4.25 -1.61
N VAL A 210 10.59 3.36 -1.30
CA VAL A 210 9.34 3.33 -2.03
C VAL A 210 8.54 4.60 -1.81
N ALA A 211 8.51 5.09 -0.56
CA ALA A 211 7.81 6.34 -0.29
C ALA A 211 8.44 7.50 -1.05
N GLY A 212 9.77 7.55 -1.07
CA GLY A 212 10.44 8.57 -1.86
C GLY A 212 10.08 8.48 -3.34
N VAL A 213 10.04 7.26 -3.89
CA VAL A 213 9.69 7.07 -5.28
C VAL A 213 8.30 7.60 -5.56
N MET A 214 7.33 7.25 -4.69
CA MET A 214 5.95 7.68 -4.90
C MET A 214 5.83 9.19 -4.89
N MET A 215 6.41 9.83 -3.87
CA MET A 215 6.30 11.27 -3.77
C MET A 215 6.95 11.98 -4.96
N ASN A 216 8.13 11.51 -5.37
CA ASN A 216 8.81 12.14 -6.49
C ASN A 216 8.05 11.94 -7.80
N THR A 217 7.47 10.75 -8.00
CA THR A 217 6.68 10.52 -9.20
C THR A 217 5.48 11.45 -9.24
N ALA A 218 4.78 11.61 -8.10
CA ALA A 218 3.64 12.51 -8.07
C ALA A 218 4.05 13.94 -8.38
N SER A 219 5.14 14.41 -7.78
CA SER A 219 5.59 15.78 -8.03
C SER A 219 6.00 15.99 -9.48
N LEU A 220 6.74 15.03 -10.06
CA LEU A 220 7.20 15.17 -11.43
C LEU A 220 6.02 15.14 -12.40
N LEU A 221 5.02 14.31 -12.12
CA LEU A 221 3.80 14.33 -12.93
C LEU A 221 3.11 15.69 -12.83
N MET A 222 3.05 16.25 -11.62
CA MET A 222 2.33 17.51 -11.44
C MET A 222 3.02 18.66 -12.18
N GLU A 223 4.35 18.74 -12.09
CA GLU A 223 5.04 19.95 -12.54
C GLU A 223 5.03 20.10 -14.06
N TRP A 224 5.33 19.02 -14.79
CA TRP A 224 5.60 19.17 -16.22
C TRP A 224 4.35 19.45 -17.05
N THR A 225 3.16 19.20 -16.51
CA THR A 225 1.95 19.34 -17.30
C THR A 225 1.34 20.72 -17.13
N SER A 226 0.28 20.97 -17.90
CA SER A 226 -0.36 22.28 -17.96
C SER A 226 -1.33 22.45 -16.79
N ALA A 227 -2.21 23.45 -16.90
CA ALA A 227 -3.14 23.78 -15.83
C ALA A 227 -4.18 22.70 -15.60
N GLN A 228 -4.29 21.73 -16.52
CA GLN A 228 -5.23 20.62 -16.37
C GLN A 228 -4.65 19.49 -15.54
N ALA A 229 -3.63 19.77 -14.72
CA ALA A 229 -2.93 18.73 -13.96
C ALA A 229 -3.82 18.06 -12.93
N GLY A 230 -4.83 18.76 -12.41
CA GLY A 230 -5.62 18.28 -11.31
C GLY A 230 -6.27 16.93 -11.51
N PRO A 231 -7.27 16.86 -12.39
CA PRO A 231 -8.06 15.62 -12.49
C PRO A 231 -7.31 14.45 -13.11
N LEU A 232 -6.68 14.67 -14.26
CA LEU A 232 -6.21 13.56 -15.08
C LEU A 232 -5.10 12.77 -14.39
N MET A 233 -4.07 13.46 -13.89
CA MET A 233 -2.93 12.76 -13.32
C MET A 233 -3.28 12.12 -11.98
N MET A 234 -4.08 12.79 -11.17
CA MET A 234 -4.49 12.20 -9.90
C MET A 234 -5.43 11.03 -10.10
N THR A 235 -6.17 11.00 -11.22
CA THR A 235 -6.95 9.80 -11.55
C THR A 235 -6.04 8.68 -12.04
N LEU A 236 -5.04 9.03 -12.85
CA LEU A 236 -4.14 8.02 -13.38
C LEU A 236 -3.35 7.34 -12.27
N ASN A 237 -2.96 8.10 -11.24
CA ASN A 237 -2.22 7.52 -10.13
C ASN A 237 -3.07 6.49 -9.38
N ALA A 238 -4.33 6.84 -9.11
CA ALA A 238 -5.23 5.91 -8.43
C ALA A 238 -5.48 4.68 -9.27
N LEU A 239 -5.65 4.86 -10.58
CA LEU A 239 -5.79 3.72 -11.48
C LEU A 239 -4.55 2.83 -11.47
N GLY A 240 -3.37 3.44 -11.41
CA GLY A 240 -2.15 2.65 -11.31
C GLY A 240 -2.11 1.81 -10.05
N PHE A 241 -2.51 2.40 -8.91
CA PHE A 241 -2.59 1.62 -7.68
C PHE A 241 -3.58 0.48 -7.79
N SER A 242 -4.75 0.76 -8.38
CA SER A 242 -5.79 -0.25 -8.50
C SER A 242 -5.32 -1.42 -9.36
N PHE A 243 -4.60 -1.13 -10.45
CA PHE A 243 -4.07 -2.20 -11.29
C PHE A 243 -2.88 -2.88 -10.63
N GLY A 244 -2.16 -2.17 -9.77
CA GLY A 244 -1.07 -2.77 -9.03
C GLY A 244 -1.57 -3.86 -8.09
N GLN A 245 -2.76 -3.65 -7.54
CA GLN A 245 -3.37 -4.71 -6.74
C GLN A 245 -3.54 -6.00 -7.54
N VAL A 246 -4.09 -5.89 -8.75
CA VAL A 246 -4.28 -7.06 -9.60
C VAL A 246 -2.93 -7.66 -10.00
N LEU A 247 -1.92 -6.83 -10.26
CA LEU A 247 -0.60 -7.36 -10.58
C LEU A 247 -0.04 -8.14 -9.40
N THR A 248 -0.24 -7.65 -8.17
CA THR A 248 0.17 -8.35 -6.97
C THR A 248 -0.49 -9.72 -6.92
N GLY A 249 -1.80 -9.75 -7.14
CA GLY A 249 -2.53 -11.00 -7.13
C GLY A 249 -2.00 -11.99 -8.15
N SER A 250 -1.77 -11.51 -9.37
CA SER A 250 -1.26 -12.37 -10.44
C SER A 250 0.11 -12.93 -10.13
N VAL A 251 1.03 -12.08 -9.69
CA VAL A 251 2.40 -12.50 -9.41
C VAL A 251 2.39 -13.49 -8.25
N ALA A 252 1.56 -13.25 -7.25
CA ALA A 252 1.44 -14.18 -6.13
C ALA A 252 0.94 -15.53 -6.61
N TYR A 253 -0.03 -15.52 -7.53
CA TYR A 253 -0.51 -16.75 -8.14
C TYR A 253 0.63 -17.45 -8.89
N GLY A 254 1.55 -16.68 -9.43
CA GLY A 254 2.66 -17.23 -10.18
C GLY A 254 3.69 -17.95 -9.33
N VAL A 255 4.38 -17.21 -8.47
CA VAL A 255 5.47 -17.73 -7.66
C VAL A 255 4.95 -18.00 -6.25
N ARG A 256 5.31 -19.16 -5.70
CA ARG A 256 4.82 -19.59 -4.40
C ARG A 256 5.84 -19.48 -3.28
N SER A 257 7.12 -19.71 -3.57
CA SER A 257 8.14 -19.58 -2.55
C SER A 257 8.34 -18.11 -2.18
N TRP A 258 8.82 -17.89 -0.96
CA TRP A 258 8.98 -16.53 -0.45
C TRP A 258 10.35 -15.92 -0.75
N ARG A 259 11.40 -16.74 -0.82
CA ARG A 259 12.69 -16.22 -1.23
C ARG A 259 12.71 -15.90 -2.72
N MET A 260 11.97 -16.63 -3.53
CA MET A 260 11.89 -16.40 -4.96
C MET A 260 10.83 -15.36 -5.33
N LEU A 261 10.04 -14.90 -4.36
CA LEU A 261 9.05 -13.86 -4.62
C LEU A 261 9.65 -12.47 -4.50
N GLN A 262 10.43 -12.23 -3.45
CA GLN A 262 11.08 -10.92 -3.29
C GLN A 262 12.04 -10.64 -4.43
N LEU A 263 12.83 -11.64 -4.84
CA LEU A 263 13.75 -11.45 -5.95
C LEU A 263 13.00 -11.14 -7.24
N ALA A 264 11.94 -11.89 -7.52
CA ALA A 264 11.17 -11.66 -8.73
C ALA A 264 10.48 -10.31 -8.73
N VAL A 265 10.04 -9.83 -7.57
CA VAL A 265 9.38 -8.52 -7.49
C VAL A 265 10.39 -7.38 -7.61
N SER A 266 11.56 -7.51 -6.98
CA SER A 266 12.53 -6.42 -6.96
C SER A 266 13.48 -6.43 -8.16
N ALA A 267 13.47 -7.48 -8.97
CA ALA A 267 14.31 -7.48 -10.17
C ALA A 267 13.96 -6.37 -11.17
N PRO A 268 12.69 -6.08 -11.49
CA PRO A 268 12.41 -5.04 -12.49
C PRO A 268 12.96 -3.66 -12.14
N PHE A 269 13.11 -3.35 -10.85
CA PHE A 269 13.47 -1.98 -10.48
C PHE A 269 14.86 -1.60 -10.96
N PHE A 270 15.76 -2.57 -11.12
CA PHE A 270 17.06 -2.23 -11.68
C PHE A 270 16.93 -1.78 -13.13
N LEU A 271 16.14 -2.49 -13.93
CA LEU A 271 15.90 -2.06 -15.30
C LEU A 271 15.18 -0.71 -15.33
N PHE A 272 14.32 -0.46 -14.35
CA PHE A 272 13.67 0.85 -14.27
C PHE A 272 14.70 1.94 -14.03
N PHE A 273 15.63 1.71 -13.11
CA PHE A 273 16.71 2.67 -12.88
C PHE A 273 17.55 2.84 -14.14
N VAL A 274 17.72 1.77 -14.90
CA VAL A 274 18.50 1.86 -16.13
C VAL A 274 17.80 2.77 -17.14
N TYR A 275 16.51 2.56 -17.40
CA TYR A 275 15.91 3.31 -18.50
C TYR A 275 15.47 4.70 -18.07
N SER A 276 15.35 4.96 -16.77
CA SER A 276 14.97 6.29 -16.30
C SER A 276 16.13 7.27 -16.30
N TRP A 277 17.24 6.93 -16.96
CA TRP A 277 18.41 7.81 -17.02
C TRP A 277 18.31 8.84 -18.15
N TRP A 278 17.25 8.79 -18.95
CA TRP A 278 17.11 9.69 -20.08
C TRP A 278 15.93 10.65 -19.95
N LEU A 279 15.11 10.49 -18.92
CA LEU A 279 13.93 11.34 -18.77
C LEU A 279 14.36 12.77 -18.48
N PRO A 280 13.83 13.77 -19.24
CA PRO A 280 14.13 15.21 -18.98
C PRO A 280 13.77 15.59 -17.55
N GLU A 281 14.61 16.41 -16.93
CA GLU A 281 14.38 16.86 -15.58
C GLU A 281 13.36 18.00 -15.55
N SER A 282 12.71 18.18 -14.39
CA SER A 282 11.70 19.22 -14.24
C SER A 282 12.28 20.59 -14.58
N ALA A 283 11.58 21.33 -15.45
CA ALA A 283 12.06 22.62 -15.90
C ALA A 283 11.85 23.73 -14.87
N ARG A 284 10.76 23.67 -14.10
CA ARG A 284 10.48 24.75 -13.15
C ARG A 284 11.51 24.82 -12.04
N TRP A 285 11.96 23.66 -11.55
CA TRP A 285 12.94 23.66 -10.46
C TRP A 285 14.27 24.24 -10.92
N LEU A 286 14.69 23.94 -12.15
CA LEU A 286 15.97 24.43 -12.65
C LEU A 286 15.99 25.95 -12.73
N ILE A 287 14.83 26.58 -12.92
CA ILE A 287 14.78 28.04 -12.99
C ILE A 287 15.09 28.67 -11.64
N THR A 288 14.50 28.13 -10.57
CA THR A 288 14.65 28.71 -9.24
C THR A 288 16.05 28.58 -8.68
N VAL A 289 16.90 27.73 -9.26
CA VAL A 289 18.26 27.53 -8.75
C VAL A 289 19.30 28.23 -9.60
N GLY A 290 18.96 28.67 -10.81
CA GLY A 290 19.89 29.39 -11.66
C GLY A 290 20.56 28.58 -12.74
N ARG A 291 20.23 27.29 -12.87
CA ARG A 291 20.80 26.44 -13.92
C ARG A 291 20.05 26.70 -15.22
N LEU A 292 20.33 27.86 -15.81
CA LEU A 292 19.58 28.32 -16.97
C LEU A 292 19.93 27.54 -18.23
N ASP A 293 21.21 27.19 -18.40
CA ASP A 293 21.63 26.49 -19.62
C ASP A 293 21.00 25.11 -19.70
N GLN A 294 21.02 24.36 -18.61
CA GLN A 294 20.40 23.04 -18.60
C GLN A 294 18.90 23.14 -18.82
N SER A 295 18.25 24.13 -18.20
CA SER A 295 16.81 24.30 -18.41
C SER A 295 16.51 24.62 -19.86
N LEU A 296 17.33 25.46 -20.49
CA LEU A 296 17.12 25.79 -21.90
C LEU A 296 17.27 24.55 -22.78
N ARG A 297 18.33 23.76 -22.54
CA ARG A 297 18.51 22.53 -23.31
C ARG A 297 17.34 21.58 -23.13
N GLU A 298 16.87 21.44 -21.88
CA GLU A 298 15.74 20.56 -21.59
C GLU A 298 14.49 21.03 -22.30
N LEU A 299 14.20 22.34 -22.26
CA LEU A 299 13.02 22.88 -22.91
C LEU A 299 13.11 22.67 -24.43
N GLN A 300 14.30 22.85 -25.00
CA GLN A 300 14.46 22.63 -26.43
C GLN A 300 14.22 21.16 -26.79
N ARG A 301 14.71 20.23 -25.97
CA ARG A 301 14.53 18.82 -26.31
C ARG A 301 13.07 18.40 -26.18
N VAL A 302 12.35 18.91 -25.17
CA VAL A 302 10.93 18.61 -25.09
C VAL A 302 10.18 19.26 -26.25
N ALA A 303 10.62 20.44 -26.69
CA ALA A 303 10.00 21.06 -27.85
C ALA A 303 10.19 20.20 -29.09
N ALA A 304 11.40 19.66 -29.27
CA ALA A 304 11.66 18.78 -30.41
C ALA A 304 10.81 17.52 -30.34
N VAL A 305 10.68 16.95 -29.14
CA VAL A 305 9.86 15.74 -28.99
C VAL A 305 8.40 16.03 -29.31
N ASN A 306 7.88 17.15 -28.81
CA ASN A 306 6.48 17.49 -28.99
C ASN A 306 6.19 17.95 -30.42
N ARG A 307 7.22 18.12 -31.24
CA ARG A 307 7.14 18.56 -32.64
C ARG A 307 6.70 20.01 -32.76
N ARG A 308 6.62 20.74 -31.66
CA ARG A 308 6.28 22.17 -31.67
C ARG A 308 7.53 23.04 -31.72
N LYS A 309 8.39 22.79 -32.70
CA LYS A 309 9.63 23.55 -32.84
C LYS A 309 9.39 24.81 -33.68
N ALA A 310 8.44 25.61 -33.21
CA ALA A 310 8.09 26.88 -33.86
C ALA A 310 8.33 28.09 -32.96
N GLU A 311 7.86 28.04 -31.72
CA GLU A 311 8.06 29.14 -30.78
C GLU A 311 9.28 28.95 -29.88
N ALA A 312 10.08 27.90 -30.12
CA ALA A 312 11.28 27.69 -29.32
C ALA A 312 12.34 28.76 -29.59
N ASP A 313 12.26 29.44 -30.73
CA ASP A 313 13.23 30.49 -31.03
C ASP A 313 13.14 31.62 -30.00
N THR A 314 11.92 31.98 -29.60
CA THR A 314 11.74 33.07 -28.63
C THR A 314 12.45 32.79 -27.32
N LEU A 315 12.71 31.52 -27.01
CA LEU A 315 13.44 31.15 -25.80
C LEU A 315 14.90 31.50 -25.99
N THR A 316 15.29 32.70 -25.57
CA THR A 316 16.65 33.21 -25.73
C THR A 316 17.24 33.61 -24.39
N VAL A 317 16.98 32.81 -23.35
CA VAL A 317 17.64 32.91 -22.04
C VAL A 317 17.25 34.16 -21.27
N GLU A 318 17.34 35.34 -21.90
CA GLU A 318 16.93 36.57 -21.21
C GLU A 318 15.45 36.51 -20.79
N VAL A 319 14.61 35.85 -21.57
CA VAL A 319 13.23 35.67 -21.16
C VAL A 319 13.15 34.85 -19.88
N LEU A 320 13.91 33.75 -19.82
CA LEU A 320 13.96 32.95 -18.60
C LEU A 320 14.65 33.68 -17.46
N ARG A 321 15.64 34.52 -17.79
CA ARG A 321 16.28 35.33 -16.75
C ARG A 321 15.28 36.30 -16.12
N SER A 322 14.43 36.92 -16.95
CA SER A 322 13.39 37.78 -16.41
C SER A 322 12.34 36.97 -15.66
N ALA A 323 12.09 35.73 -16.09
CA ALA A 323 11.14 34.88 -15.38
C ALA A 323 11.64 34.56 -13.98
N MET A 324 12.95 34.33 -13.82
CA MET A 324 13.52 34.01 -12.52
C MET A 324 13.44 35.21 -11.57
N ARG A 347 -10.19 26.40 11.36
CA ARG A 347 -9.40 25.36 11.99
C ARG A 347 -10.24 24.10 12.20
N LEU A 348 -11.57 24.25 12.09
CA LEU A 348 -12.46 23.11 12.18
C LEU A 348 -12.27 22.18 10.99
N ARG A 349 -12.23 22.75 9.78
CA ARG A 349 -12.18 21.93 8.57
C ARG A 349 -10.87 21.18 8.47
N THR A 350 -9.77 21.78 8.91
CA THR A 350 -8.50 21.08 8.95
C THR A 350 -8.58 19.87 9.88
N PHE A 351 -9.20 20.05 11.06
CA PHE A 351 -9.38 18.94 11.98
C PHE A 351 -10.21 17.83 11.33
N ILE A 352 -11.29 18.20 10.64
CA ILE A 352 -12.16 17.20 10.03
C ILE A 352 -11.41 16.43 8.94
N SER A 353 -10.67 17.15 8.10
CA SER A 353 -9.91 16.49 7.05
C SER A 353 -8.85 15.57 7.62
N MET A 354 -8.15 16.01 8.67
CA MET A 354 -7.16 15.17 9.33
C MET A 354 -7.80 13.91 9.90
N LEU A 355 -8.96 14.06 10.53
CA LEU A 355 -9.65 12.90 11.08
C LEU A 355 -10.06 11.92 9.98
N CYS A 356 -10.57 12.44 8.87
CA CYS A 356 -10.97 11.55 7.78
C CYS A 356 -9.77 10.81 7.21
N TRP A 357 -8.67 11.51 6.98
CA TRP A 357 -7.47 10.87 6.46
C TRP A 357 -6.95 9.81 7.43
N PHE A 358 -6.91 10.13 8.73
CA PHE A 358 -6.44 9.17 9.72
C PHE A 358 -7.32 7.94 9.75
N ALA A 359 -8.64 8.12 9.72
CA ALA A 359 -9.54 6.98 9.74
C ALA A 359 -9.33 6.10 8.51
N PHE A 360 -9.27 6.72 7.33
CA PHE A 360 -9.07 5.95 6.11
C PHE A 360 -7.78 5.14 6.19
N GLY A 361 -6.66 5.80 6.50
CA GLY A 361 -5.39 5.09 6.53
C GLY A 361 -5.37 3.99 7.58
N PHE A 362 -5.82 4.32 8.79
CA PHE A 362 -5.85 3.37 9.89
C PHE A 362 -6.61 2.11 9.52
N THR A 363 -7.91 2.25 9.21
CA THR A 363 -8.72 1.06 8.96
C THR A 363 -8.26 0.32 7.70
N PHE A 364 -7.95 1.05 6.62
CA PHE A 364 -7.55 0.39 5.39
C PHE A 364 -6.28 -0.43 5.58
N PHE A 365 -5.22 0.18 6.12
CA PHE A 365 -3.96 -0.52 6.23
C PHE A 365 -3.88 -1.41 7.46
N GLY A 366 -4.92 -1.42 8.30
CA GLY A 366 -4.98 -2.42 9.35
C GLY A 366 -5.89 -3.58 8.97
N LEU A 367 -6.64 -3.44 7.89
CA LEU A 367 -7.55 -4.51 7.47
C LEU A 367 -7.23 -5.06 6.08
N ALA A 368 -6.37 -4.41 5.30
CA ALA A 368 -6.05 -4.90 3.97
C ALA A 368 -4.86 -5.85 3.92
N LEU A 369 -4.19 -6.09 5.05
CA LEU A 369 -3.03 -6.96 5.10
C LEU A 369 -3.32 -8.26 5.85
N ASP A 370 -4.59 -8.54 6.14
CA ASP A 370 -4.96 -9.78 6.84
C ASP A 370 -6.08 -10.51 6.12
N LEU A 371 -6.06 -10.53 4.79
CA LEU A 371 -7.14 -11.11 4.01
C LEU A 371 -7.25 -12.62 4.22
N GLN A 372 -6.23 -13.23 4.82
CA GLN A 372 -6.29 -14.66 5.11
C GLN A 372 -7.41 -15.01 6.08
N ALA A 373 -7.58 -14.23 7.15
CA ALA A 373 -8.64 -14.47 8.12
C ALA A 373 -9.96 -13.83 7.75
N LEU A 374 -10.02 -13.11 6.63
CA LEU A 374 -11.24 -12.46 6.19
C LEU A 374 -12.08 -13.35 5.27
N GLY A 375 -11.55 -14.48 4.85
CA GLY A 375 -12.25 -15.38 3.96
C GLY A 375 -11.40 -16.53 3.49
N SER A 376 -11.48 -16.87 2.21
CA SER A 376 -10.71 -17.95 1.63
C SER A 376 -10.29 -17.57 0.21
N ASN A 377 -9.44 -18.41 -0.39
CA ASN A 377 -8.93 -18.21 -1.75
C ASN A 377 -8.24 -16.84 -1.86
N ILE A 378 -7.11 -16.76 -1.15
CA ILE A 378 -6.39 -15.49 -1.00
C ILE A 378 -6.00 -14.91 -2.36
N PHE A 379 -5.86 -15.75 -3.37
CA PHE A 379 -5.47 -15.28 -4.70
C PHE A 379 -6.60 -14.64 -5.48
N LEU A 380 -7.86 -14.94 -5.15
CA LEU A 380 -9.00 -14.25 -5.76
C LEU A 380 -9.29 -12.92 -5.08
N LEU A 381 -9.20 -12.87 -3.76
CA LEU A 381 -9.09 -11.60 -3.06
C LEU A 381 -7.72 -10.99 -3.35
N GLN A 382 -7.57 -9.70 -3.05
CA GLN A 382 -6.34 -8.97 -3.34
C GLN A 382 -6.07 -8.94 -4.84
N ALA A 383 -7.01 -9.47 -5.62
CA ALA A 383 -6.94 -9.42 -7.08
C ALA A 383 -8.33 -9.07 -7.59
N LEU A 384 -9.28 -8.94 -6.67
CA LEU A 384 -10.61 -8.45 -6.98
C LEU A 384 -10.89 -7.09 -6.34
N ILE A 385 -9.92 -6.54 -5.60
CA ILE A 385 -10.09 -5.23 -4.96
C ILE A 385 -10.12 -4.09 -5.96
N GLY A 386 -9.22 -4.07 -6.94
CA GLY A 386 -9.18 -3.00 -7.90
C GLY A 386 -10.29 -3.10 -8.94
N ILE A 387 -10.63 -4.33 -9.31
CA ILE A 387 -11.75 -4.57 -10.20
C ILE A 387 -13.07 -4.14 -9.59
N VAL A 388 -13.19 -4.20 -8.26
CA VAL A 388 -14.35 -3.67 -7.55
C VAL A 388 -14.10 -2.25 -7.07
N ASP A 389 -12.90 -1.72 -7.29
CA ASP A 389 -12.56 -0.36 -6.89
C ASP A 389 -12.85 0.67 -7.97
N LEU A 390 -12.38 0.44 -9.20
CA LEU A 390 -12.55 1.46 -10.23
C LEU A 390 -14.03 1.68 -10.56
N PRO A 391 -14.80 0.65 -10.94
CA PRO A 391 -16.21 0.93 -11.27
C PRO A 391 -16.97 1.56 -10.12
N VAL A 392 -16.72 1.12 -8.88
CA VAL A 392 -17.48 1.64 -7.76
C VAL A 392 -17.12 3.10 -7.52
N LYS A 393 -15.85 3.46 -7.71
CA LYS A 393 -15.46 4.85 -7.46
C LYS A 393 -16.03 5.77 -8.52
N MET A 394 -15.95 5.39 -9.80
CA MET A 394 -16.58 6.21 -10.83
C MET A 394 -18.09 6.34 -10.60
N GLY A 395 -18.77 5.21 -10.35
CA GLY A 395 -20.22 5.27 -10.20
C GLY A 395 -20.65 6.06 -8.98
N SER A 396 -19.99 5.82 -7.83
CA SER A 396 -20.35 6.52 -6.60
C SER A 396 -20.09 8.01 -6.75
N LEU A 397 -18.94 8.41 -7.30
CA LEU A 397 -18.67 9.83 -7.48
C LEU A 397 -19.69 10.46 -8.42
N LEU A 398 -19.99 9.77 -9.54
CA LEU A 398 -20.94 10.31 -10.51
C LEU A 398 -22.32 10.51 -9.89
N LEU A 399 -22.77 9.52 -9.10
CA LEU A 399 -24.11 9.60 -8.54
C LEU A 399 -24.18 10.56 -7.35
N LEU A 400 -23.07 10.74 -6.64
CA LEU A 400 -23.10 11.48 -5.38
C LEU A 400 -22.66 12.93 -5.50
N SER A 401 -21.94 13.25 -6.58
CA SER A 401 -21.41 14.63 -6.69
C SER A 401 -22.56 15.63 -6.83
N ARG A 402 -23.62 15.23 -7.54
CA ARG A 402 -24.75 16.13 -7.78
C ARG A 402 -25.50 16.45 -6.50
N LEU A 403 -25.63 15.49 -5.59
CA LEU A 403 -26.36 15.73 -4.35
C LEU A 403 -25.65 16.76 -3.47
N GLY A 404 -24.34 16.70 -3.40
CA GLY A 404 -23.57 17.64 -2.62
C GLY A 404 -22.19 17.11 -2.30
N ARG A 405 -21.26 18.03 -2.06
CA ARG A 405 -19.89 17.64 -1.76
C ARG A 405 -19.78 17.06 -0.35
N ARG A 406 -20.41 17.71 0.63
CA ARG A 406 -20.38 17.18 1.99
C ARG A 406 -21.13 15.85 2.08
N LEU A 407 -22.24 15.72 1.33
CA LEU A 407 -22.95 14.45 1.29
C LEU A 407 -22.07 13.34 0.75
N CYS A 408 -21.34 13.62 -0.34
CA CYS A 408 -20.43 12.62 -0.89
C CYS A 408 -19.31 12.29 0.08
N GLN A 409 -18.78 13.31 0.77
CA GLN A 409 -17.68 13.07 1.71
C GLN A 409 -18.13 12.21 2.88
N ALA A 410 -19.28 12.54 3.49
CA ALA A 410 -19.77 11.76 4.61
C ALA A 410 -20.18 10.36 4.18
N SER A 411 -20.84 10.24 3.02
CA SER A 411 -21.31 8.95 2.54
C SER A 411 -20.18 8.00 2.17
N SER A 412 -18.96 8.49 1.97
CA SER A 412 -17.84 7.66 1.61
C SER A 412 -17.13 7.07 2.83
N LEU A 413 -17.59 7.38 4.03
CA LEU A 413 -17.00 6.86 5.26
C LEU A 413 -17.95 6.03 6.09
N VAL A 414 -19.20 6.46 6.23
CA VAL A 414 -20.17 5.69 7.02
C VAL A 414 -20.55 4.41 6.27
N LEU A 415 -20.71 4.49 4.95
CA LEU A 415 -21.08 3.31 4.18
C LEU A 415 -20.05 2.19 4.30
N PRO A 416 -18.75 2.40 4.06
CA PRO A 416 -17.80 1.30 4.30
C PRO A 416 -17.70 0.91 5.77
N GLY A 417 -17.97 1.84 6.69
CA GLY A 417 -17.97 1.48 8.10
C GLY A 417 -19.01 0.43 8.43
N LEU A 418 -20.26 0.67 8.01
CA LEU A 418 -21.30 -0.33 8.22
C LEU A 418 -21.04 -1.58 7.38
N CYS A 419 -20.44 -1.42 6.20
CA CYS A 419 -20.11 -2.56 5.37
C CYS A 419 -19.16 -3.51 6.10
N ILE A 420 -18.14 -2.96 6.75
CA ILE A 420 -17.21 -3.79 7.53
C ILE A 420 -17.89 -4.32 8.78
N LEU A 421 -18.69 -3.48 9.45
CA LEU A 421 -19.27 -3.87 10.74
C LEU A 421 -20.25 -5.02 10.59
N ALA A 422 -20.99 -5.06 9.48
CA ALA A 422 -21.99 -6.11 9.30
C ALA A 422 -21.37 -7.47 9.05
N ASN A 423 -20.06 -7.54 8.81
CA ASN A 423 -19.42 -8.81 8.48
C ASN A 423 -19.41 -9.75 9.69
N ILE A 424 -19.17 -9.22 10.89
CA ILE A 424 -19.08 -10.08 12.06
C ILE A 424 -20.43 -10.69 12.43
N LEU A 425 -21.53 -9.99 12.12
CA LEU A 425 -22.84 -10.48 12.53
C LEU A 425 -23.25 -11.72 11.75
N VAL A 426 -23.00 -11.73 10.45
CA VAL A 426 -23.45 -12.86 9.62
C VAL A 426 -22.64 -14.11 9.98
N PRO A 427 -23.24 -15.30 9.91
CA PRO A 427 -22.51 -16.52 10.30
C PRO A 427 -21.64 -17.03 9.16
N ARG A 428 -20.89 -18.09 9.48
CA ARG A 428 -20.01 -18.74 8.52
C ARG A 428 -20.75 -19.79 7.68
N GLU A 429 -22.05 -19.95 7.91
CA GLU A 429 -22.84 -20.90 7.13
C GLU A 429 -22.76 -20.59 5.63
N MET A 430 -22.79 -19.32 5.26
CA MET A 430 -22.64 -18.89 3.87
C MET A 430 -21.35 -18.10 3.75
N GLY A 431 -20.44 -18.55 2.89
CA GLY A 431 -19.17 -17.86 2.74
C GLY A 431 -19.21 -16.75 1.71
N ILE A 432 -20.11 -16.86 0.73
CA ILE A 432 -20.21 -15.84 -0.31
C ILE A 432 -20.62 -14.51 0.30
N LEU A 433 -21.62 -14.52 1.18
CA LEU A 433 -21.98 -13.31 1.91
C LEU A 433 -20.90 -12.92 2.90
N ARG A 434 -20.16 -13.89 3.41
CA ARG A 434 -19.06 -13.60 4.34
C ARG A 434 -17.94 -12.84 3.64
N SER A 435 -17.80 -13.00 2.33
CA SER A 435 -16.72 -12.38 1.58
C SER A 435 -17.13 -11.14 0.78
N SER A 436 -18.36 -11.10 0.26
CA SER A 436 -18.75 -10.00 -0.62
C SER A 436 -18.79 -8.67 0.12
N LEU A 437 -19.31 -8.66 1.35
CA LEU A 437 -19.45 -7.42 2.09
C LEU A 437 -18.11 -6.78 2.39
N ALA A 438 -17.13 -7.58 2.80
CA ALA A 438 -15.80 -7.04 3.11
C ALA A 438 -15.13 -6.48 1.85
N VAL A 439 -15.27 -7.18 0.72
CA VAL A 439 -14.69 -6.69 -0.53
C VAL A 439 -15.34 -5.37 -0.92
N LEU A 440 -16.66 -5.28 -0.81
CA LEU A 440 -17.35 -4.04 -1.13
C LEU A 440 -16.93 -2.91 -0.20
N GLY A 441 -16.77 -3.21 1.08
CA GLY A 441 -16.35 -2.21 2.04
C GLY A 441 -14.97 -1.67 1.76
N LEU A 442 -14.02 -2.58 1.45
CA LEU A 442 -12.68 -2.13 1.10
C LEU A 442 -12.66 -1.34 -0.20
N GLY A 443 -13.45 -1.75 -1.18
CA GLY A 443 -13.52 -1.00 -2.43
C GLY A 443 -14.07 0.41 -2.23
N SER A 444 -15.14 0.53 -1.44
CA SER A 444 -15.68 1.85 -1.13
C SER A 444 -14.71 2.68 -0.30
N LEU A 445 -14.00 2.06 0.64
CA LEU A 445 -13.00 2.77 1.42
C LEU A 445 -11.88 3.32 0.55
N GLY A 446 -11.45 2.55 -0.45
CA GLY A 446 -10.44 3.04 -1.37
C GLY A 446 -10.89 4.25 -2.15
N ALA A 447 -12.20 4.43 -2.31
CA ALA A 447 -12.72 5.61 -3.00
C ALA A 447 -12.57 6.88 -2.19
N ALA A 448 -12.39 6.77 -0.87
CA ALA A 448 -12.19 7.96 -0.05
C ALA A 448 -10.88 8.66 -0.41
N PHE A 449 -9.86 7.88 -0.75
CA PHE A 449 -8.55 8.40 -1.13
C PHE A 449 -8.67 9.39 -2.28
N THR A 450 -9.67 9.20 -3.15
CA THR A 450 -9.88 10.12 -4.25
C THR A 450 -10.92 11.17 -3.89
N CYS A 451 -11.97 10.77 -3.16
CA CYS A 451 -13.07 11.68 -2.86
C CYS A 451 -12.62 12.84 -1.97
N VAL A 452 -11.74 12.56 -1.01
CA VAL A 452 -11.33 13.58 -0.04
C VAL A 452 -10.09 14.31 -0.55
N THR A 453 -9.73 14.05 -1.81
CA THR A 453 -8.54 14.70 -2.36
C THR A 453 -8.97 15.65 -3.43
N ILE A 454 -9.70 15.14 -4.42
CA ILE A 454 -10.03 15.96 -5.59
C ILE A 454 -11.25 16.83 -5.39
N PHE A 455 -12.30 16.32 -4.75
CA PHE A 455 -13.49 17.11 -4.44
C PHE A 455 -13.39 17.84 -3.11
N SER A 456 -12.66 17.30 -2.15
CA SER A 456 -12.37 17.96 -0.90
C SER A 456 -11.06 18.73 -1.02
N SER A 457 -10.51 19.15 0.12
CA SER A 457 -9.31 19.97 0.26
C SER A 457 -9.53 21.40 -0.20
N GLU A 458 -10.73 21.74 -0.68
CA GLU A 458 -11.10 23.11 -0.96
C GLU A 458 -11.68 23.82 0.25
N LEU A 459 -11.82 23.12 1.37
CA LEU A 459 -12.37 23.68 2.60
C LEU A 459 -11.32 24.58 3.27
N PHE A 460 -10.96 25.68 2.62
CA PHE A 460 -9.89 26.55 3.08
C PHE A 460 -9.95 27.86 2.28
N PRO A 461 -9.12 28.88 2.62
CA PRO A 461 -9.21 30.16 1.91
C PRO A 461 -9.11 30.09 0.39
N THR A 462 -8.84 28.90 -0.16
CA THR A 462 -8.82 28.67 -1.60
C THR A 462 -7.74 29.52 -2.28
N VAL A 463 -6.50 29.29 -1.86
CA VAL A 463 -5.33 29.93 -2.48
C VAL A 463 -4.66 28.90 -3.38
N ILE A 464 -4.23 27.79 -2.79
CA ILE A 464 -3.70 26.65 -3.52
C ILE A 464 -3.87 25.41 -2.66
N ARG A 465 -4.20 24.29 -3.30
CA ARG A 465 -4.58 23.08 -2.56
C ARG A 465 -3.38 22.24 -2.12
N MET A 466 -2.18 22.55 -2.58
CA MET A 466 -1.02 21.75 -2.19
C MET A 466 -0.52 22.05 -0.79
N THR A 467 -1.07 23.08 -0.13
CA THR A 467 -0.72 23.40 1.24
C THR A 467 -1.46 22.52 2.26
N ALA A 468 -2.50 21.81 1.84
CA ALA A 468 -3.29 20.99 2.75
C ALA A 468 -3.28 19.50 2.42
N VAL A 469 -3.06 19.14 1.15
CA VAL A 469 -3.01 17.73 0.78
C VAL A 469 -1.86 17.02 1.51
N GLY A 470 -0.69 17.66 1.54
CA GLY A 470 0.44 17.07 2.25
C GLY A 470 0.18 16.92 3.73
N LEU A 471 -0.40 17.95 4.35
CA LEU A 471 -0.71 17.87 5.78
C LEU A 471 -1.73 16.77 6.06
N GLY A 472 -2.73 16.61 5.20
CA GLY A 472 -3.67 15.52 5.37
C GLY A 472 -3.01 14.16 5.22
N GLN A 473 -2.07 14.05 4.25
CA GLN A 473 -1.37 12.79 4.06
C GLN A 473 -0.42 12.48 5.20
N VAL A 474 0.02 13.50 5.94
CA VAL A 474 0.85 13.25 7.12
C VAL A 474 0.15 12.29 8.08
N ALA A 475 -1.13 12.55 8.35
CA ALA A 475 -1.92 11.67 9.25
C ALA A 475 -2.04 10.28 8.62
N ALA A 476 -2.50 10.21 7.37
CA ALA A 476 -2.67 8.91 6.69
C ALA A 476 -1.46 8.00 6.93
N ARG A 477 -0.27 8.44 6.54
CA ARG A 477 0.96 7.61 6.68
C ARG A 477 1.43 7.63 8.13
N GLY A 478 0.76 8.36 9.00
CA GLY A 478 1.12 8.32 10.43
C GLY A 478 0.12 7.44 11.16
N GLY A 479 -1.09 7.35 10.63
CA GLY A 479 -2.14 6.55 11.27
C GLY A 479 -1.99 5.11 10.87
N ALA A 480 -1.55 4.86 9.64
CA ALA A 480 -1.35 3.46 9.31
C ALA A 480 -0.25 2.82 10.16
N MET A 481 0.58 3.61 10.82
CA MET A 481 1.48 3.11 11.85
C MET A 481 0.72 2.46 12.99
N LEU A 482 -0.40 3.06 13.41
CA LEU A 482 -1.17 2.60 14.54
C LEU A 482 -2.25 1.63 14.09
N GLY A 483 -1.97 0.90 13.01
CA GLY A 483 -2.93 0.06 12.35
C GLY A 483 -2.80 -1.39 12.78
N PRO A 484 -2.04 -2.18 12.01
CA PRO A 484 -1.89 -3.61 12.32
C PRO A 484 -1.56 -3.93 13.77
N LEU A 485 -1.14 -2.93 14.54
CA LEU A 485 -0.96 -3.14 15.97
C LEU A 485 -2.29 -3.41 16.66
N VAL A 486 -3.41 -3.01 16.05
CA VAL A 486 -4.71 -3.36 16.58
C VAL A 486 -4.95 -4.86 16.47
N ARG A 487 -4.45 -5.49 15.40
CA ARG A 487 -4.58 -6.94 15.24
C ARG A 487 -3.86 -7.71 16.34
N LEU A 488 -2.97 -7.06 17.08
CA LEU A 488 -2.35 -7.68 18.25
C LEU A 488 -3.35 -7.94 19.37
N LEU A 489 -4.56 -7.39 19.26
CA LEU A 489 -5.62 -7.62 20.22
C LEU A 489 -6.44 -8.87 19.91
N GLY A 490 -5.84 -9.84 19.22
CA GLY A 490 -6.53 -11.09 18.96
C GLY A 490 -6.89 -11.82 20.24
N VAL A 491 -5.99 -11.80 21.22
CA VAL A 491 -6.33 -12.30 22.55
C VAL A 491 -7.45 -11.43 23.13
N TYR A 492 -8.19 -12.01 24.07
CA TYR A 492 -9.37 -11.37 24.66
C TYR A 492 -10.42 -11.11 23.57
N GLY A 493 -10.87 -12.20 22.96
CA GLY A 493 -11.86 -12.14 21.90
C GLY A 493 -11.27 -11.80 20.55
N SER A 494 -11.75 -12.45 19.49
CA SER A 494 -11.28 -12.19 18.15
C SER A 494 -12.13 -11.19 17.38
N TRP A 495 -13.29 -10.83 17.91
CA TRP A 495 -14.15 -9.85 17.25
C TRP A 495 -13.74 -8.41 17.54
N LEU A 496 -12.89 -8.19 18.55
CA LEU A 496 -12.49 -6.83 18.90
C LEU A 496 -11.77 -6.09 17.78
N PRO A 497 -10.79 -6.67 17.07
CA PRO A 497 -10.16 -5.92 15.99
C PRO A 497 -11.14 -5.46 14.92
N LEU A 498 -12.03 -6.36 14.48
CA LEU A 498 -13.02 -5.98 13.47
C LEU A 498 -13.98 -4.93 14.01
N LEU A 499 -14.37 -5.06 15.28
CA LEU A 499 -15.27 -4.08 15.88
C LEU A 499 -14.63 -2.70 15.89
N VAL A 500 -13.33 -2.62 16.24
CA VAL A 500 -12.65 -1.33 16.25
C VAL A 500 -12.51 -0.79 14.82
N TYR A 501 -12.11 -1.65 13.89
CA TYR A 501 -11.93 -1.25 12.50
C TYR A 501 -13.24 -0.81 11.86
N GLY A 502 -14.38 -1.22 12.42
CA GLY A 502 -15.66 -0.75 11.95
C GLY A 502 -16.15 0.49 12.66
N VAL A 503 -15.86 0.59 13.96
CA VAL A 503 -16.34 1.71 14.76
C VAL A 503 -15.62 3.00 14.38
N VAL A 504 -14.30 2.95 14.20
CA VAL A 504 -13.54 4.18 13.95
C VAL A 504 -14.02 4.91 12.69
N PRO A 505 -14.12 4.28 11.52
CA PRO A 505 -14.61 5.02 10.35
C PRO A 505 -16.04 5.50 10.50
N VAL A 506 -16.89 4.73 11.19
CA VAL A 506 -18.27 5.15 11.40
C VAL A 506 -18.31 6.46 12.18
N LEU A 507 -17.53 6.52 13.27
CA LEU A 507 -17.49 7.75 14.06
C LEU A 507 -16.89 8.89 13.26
N SER A 508 -15.85 8.63 12.48
CA SER A 508 -15.25 9.70 11.68
C SER A 508 -16.27 10.27 10.69
N GLY A 509 -16.99 9.39 10.00
CA GLY A 509 -18.00 9.84 9.05
C GLY A 509 -19.13 10.59 9.72
N LEU A 510 -19.58 10.10 10.87
CA LEU A 510 -20.65 10.79 11.59
C LEU A 510 -20.22 12.17 12.05
N ALA A 511 -18.97 12.29 12.53
CA ALA A 511 -18.45 13.59 12.93
C ALA A 511 -18.23 14.51 11.75
N ALA A 512 -17.97 13.96 10.56
CA ALA A 512 -17.82 14.79 9.37
C ALA A 512 -19.06 15.60 9.07
N LEU A 513 -20.23 15.15 9.51
CA LEU A 513 -21.46 15.90 9.34
C LEU A 513 -21.55 17.13 10.24
N LEU A 514 -20.63 17.28 11.19
CA LEU A 514 -20.65 18.38 12.16
C LEU A 514 -19.73 19.51 11.73
N LEU A 515 -19.63 19.77 10.43
CA LEU A 515 -18.83 20.90 9.96
C LEU A 515 -19.31 22.24 10.54
N PRO A 516 -20.61 22.58 10.54
CA PRO A 516 -20.97 23.86 11.14
C PRO A 516 -20.91 23.82 12.67
#